data_4J0F
#
_entry.id   4J0F
#
_cell.length_a   62.557
_cell.length_b   96.371
_cell.length_c   114.226
_cell.angle_alpha   90.00
_cell.angle_beta   90.00
_cell.angle_gamma   90.00
#
_symmetry.space_group_name_H-M   'P 21 21 21'
#
loop_
_entity.id
_entity.type
_entity.pdbx_description
1 polymer 'Probable 3-hydroxyacyl-CoA dehydrogenase F54C8.1'
2 water water
#
_entity_poly.entity_id   1
_entity_poly.type   'polypeptide(L)'
_entity_poly.pdbx_seq_one_letter_code
;MGSMFTAKCAMQNIRNVAIVGSGQMGSGIAQVTASSGFNVMLADVNKKALDRAMKAISQSVTHLSKKQKGTDKEKSDFVT
LTMSRIKTCNNVSTAVADADLIIEAAIENIDLKRGIFAQIEQSCKKDSILTTNTSSFLLEDVAKGLQDKTRFGGLHFFNP
VPVMKLLEVIRSDDTSDETYATLIKFGTAVGKTTVACKDSPGFIVNRLLIPYFFEAARMYERGDASMTDIDEAMKLGAGH
PMGPFELADYIGLDTVKFVMDGWAAKYPEVQLFEASPLVDKLVAEGKLGRKTGDGFYSYKKEFGTSSTGSSGSSLEVLFQ
;
_entity_poly.pdbx_strand_id   A,B
#
# COMPACT_ATOMS: atom_id res chain seq x y z
N GLN A 12 33.87 -7.04 -11.63
CA GLN A 12 35.19 -6.74 -12.25
C GLN A 12 35.62 -5.28 -12.08
N ASN A 13 34.80 -4.34 -12.53
CA ASN A 13 35.23 -2.96 -12.56
C ASN A 13 35.30 -2.21 -11.21
N ILE A 14 34.50 -2.62 -10.22
CA ILE A 14 34.47 -1.89 -8.93
C ILE A 14 35.00 -2.81 -7.92
N ARG A 15 36.08 -2.43 -7.25
CA ARG A 15 36.61 -3.23 -6.13
C ARG A 15 36.62 -2.39 -4.85
N ASN A 16 36.75 -1.08 -4.99
CA ASN A 16 36.85 -0.18 -3.84
C ASN A 16 35.80 0.91 -3.80
N VAL A 17 35.05 0.97 -2.69
CA VAL A 17 33.92 1.89 -2.64
C VAL A 17 34.20 2.86 -1.55
N ALA A 18 34.01 4.15 -1.83
CA ALA A 18 34.03 5.15 -0.75
C ALA A 18 32.62 5.66 -0.47
N ILE A 19 32.32 5.86 0.82
CA ILE A 19 31.00 6.29 1.23
C ILE A 19 31.13 7.53 2.07
N VAL A 20 30.49 8.60 1.64
CA VAL A 20 30.60 9.86 2.37
C VAL A 20 29.30 10.11 3.17
N GLY A 21 29.38 10.05 4.50
CA GLY A 21 28.21 10.24 5.31
C GLY A 21 28.23 9.00 6.13
N SER A 22 28.28 9.15 7.43
CA SER A 22 28.26 8.01 8.31
C SER A 22 26.98 7.95 9.19
N GLY A 23 25.92 8.68 8.84
CA GLY A 23 24.56 8.50 9.44
C GLY A 23 23.98 7.13 9.10
N GLN A 24 22.67 6.98 9.34
CA GLN A 24 22.09 5.66 9.31
C GLN A 24 22.22 4.97 7.95
N MET A 25 22.00 5.71 6.91
CA MET A 25 22.01 5.05 5.66
C MET A 25 23.44 4.84 5.21
N GLY A 26 24.26 5.87 5.30
CA GLY A 26 25.66 5.64 4.93
C GLY A 26 26.30 4.40 5.59
N SER A 27 26.22 4.27 6.92
CA SER A 27 26.82 3.08 7.52
C SER A 27 26.07 1.80 7.17
N GLY A 28 24.77 1.86 6.96
CA GLY A 28 24.08 0.66 6.46
C GLY A 28 24.63 0.20 5.09
N ILE A 29 24.96 1.17 4.24
CA ILE A 29 25.51 0.86 2.90
C ILE A 29 26.93 0.23 3.07
N ALA A 30 27.72 0.83 3.94
CA ALA A 30 29.05 0.32 4.20
C ALA A 30 28.96 -1.09 4.77
N GLN A 31 28.06 -1.32 5.70
CA GLN A 31 27.84 -2.70 6.16
C GLN A 31 27.58 -3.71 5.01
N VAL A 32 26.52 -3.51 4.22
CA VAL A 32 26.28 -4.50 3.14
C VAL A 32 27.36 -4.54 2.04
N THR A 33 28.05 -3.43 1.82
CA THR A 33 29.05 -3.38 0.74
C THR A 33 30.23 -4.24 1.20
N ALA A 34 30.65 -4.00 2.45
CA ALA A 34 31.74 -4.74 3.01
C ALA A 34 31.38 -6.23 3.17
N SER A 35 30.13 -6.51 3.53
CA SER A 35 29.80 -7.92 3.74
C SER A 35 29.83 -8.68 2.42
N SER A 36 29.65 -7.98 1.31
CA SER A 36 29.61 -8.58 -0.02
C SER A 36 30.99 -8.69 -0.61
N GLY A 37 32.03 -8.30 0.14
CA GLY A 37 33.39 -8.54 -0.32
C GLY A 37 34.12 -7.35 -0.90
N PHE A 38 33.45 -6.18 -1.03
CA PHE A 38 34.11 -4.98 -1.50
C PHE A 38 34.87 -4.37 -0.35
N ASN A 39 35.86 -3.56 -0.68
CA ASN A 39 36.57 -2.74 0.28
C ASN A 39 35.83 -1.43 0.36
N VAL A 40 35.72 -0.93 1.59
CA VAL A 40 34.92 0.26 1.84
C VAL A 40 35.77 1.29 2.58
N MET A 41 35.68 2.52 2.11
CA MET A 41 36.21 3.66 2.83
C MET A 41 35.06 4.53 3.31
N LEU A 42 34.89 4.62 4.63
CA LEU A 42 33.79 5.40 5.20
C LEU A 42 34.28 6.75 5.73
N ALA A 43 33.84 7.83 5.12
CA ALA A 43 34.28 9.20 5.41
C ALA A 43 33.16 10.04 6.04
N ASP A 44 33.55 10.77 7.08
CA ASP A 44 32.70 11.78 7.71
C ASP A 44 33.61 12.78 8.44
N VAL A 45 33.43 14.09 8.26
CA VAL A 45 34.25 15.04 9.05
C VAL A 45 33.87 15.04 10.52
N ASN A 46 32.65 14.61 10.86
CA ASN A 46 32.31 14.45 12.27
C ASN A 46 32.87 13.17 12.83
N LYS A 47 33.93 13.33 13.62
CA LYS A 47 34.70 12.19 14.13
C LYS A 47 33.91 11.38 15.10
N LYS A 48 33.03 12.01 15.83
CA LYS A 48 32.24 11.24 16.78
C LYS A 48 31.19 10.38 16.10
N ALA A 49 30.52 10.91 15.08
CA ALA A 49 29.53 10.11 14.31
C ALA A 49 30.25 8.92 13.65
N LEU A 50 31.43 9.18 13.13
CA LEU A 50 32.22 8.14 12.52
C LEU A 50 32.40 6.98 13.50
N ASP A 51 32.83 7.31 14.72
CA ASP A 51 32.98 6.29 15.82
C ASP A 51 31.68 5.57 16.18
N ARG A 52 30.62 6.31 16.48
CA ARG A 52 29.31 5.64 16.67
C ARG A 52 28.94 4.69 15.53
N ALA A 53 29.12 5.13 14.27
CA ALA A 53 28.82 4.29 13.11
C ALA A 53 29.64 2.99 13.08
N MET A 54 30.96 3.08 13.29
CA MET A 54 31.76 1.86 13.30
C MET A 54 31.33 0.86 14.37
N LYS A 55 30.88 1.40 15.49
CA LYS A 55 30.49 0.51 16.57
C LYS A 55 29.22 -0.17 16.18
N ALA A 56 28.26 0.61 15.68
CA ALA A 56 26.98 0.03 15.30
C ALA A 56 27.12 -1.01 14.15
N ILE A 57 27.98 -0.72 13.17
CA ILE A 57 28.19 -1.73 12.09
C ILE A 57 28.67 -3.02 12.72
N SER A 58 29.66 -2.88 13.56
CA SER A 58 30.18 -4.05 14.22
C SER A 58 29.12 -4.84 15.00
N GLN A 59 28.28 -4.14 15.76
CA GLN A 59 27.24 -4.80 16.53
C GLN A 59 26.24 -5.46 15.56
N SER A 60 25.82 -4.75 14.53
CA SER A 60 24.88 -5.36 13.58
C SER A 60 25.45 -6.59 12.83
N VAL A 61 26.70 -6.49 12.40
CA VAL A 61 27.28 -7.59 11.64
C VAL A 61 27.48 -8.79 12.57
N THR A 62 27.91 -8.54 13.79
CA THR A 62 27.99 -9.63 14.79
C THR A 62 26.61 -10.22 15.03
N HIS A 63 25.61 -9.35 15.27
CA HIS A 63 24.27 -9.84 15.49
C HIS A 63 23.80 -10.67 14.33
N LEU A 64 23.99 -10.17 13.09
CA LEU A 64 23.48 -10.86 11.90
C LEU A 64 24.18 -12.15 11.63
N SER A 65 25.45 -12.20 11.99
CA SER A 65 26.25 -13.37 11.70
C SER A 65 25.64 -14.60 12.35
N LYS A 66 24.95 -14.41 13.49
CA LYS A 66 24.37 -15.51 14.32
C LYS A 66 23.44 -16.43 13.55
N LYS A 67 22.48 -15.86 12.82
CA LYS A 67 21.57 -16.64 12.00
C LYS A 67 22.26 -17.40 10.83
N GLN A 68 23.04 -16.72 9.99
CA GLN A 68 23.72 -17.42 8.90
C GLN A 68 24.09 -18.84 9.33
N GLY A 70 26.89 -22.05 9.70
CA GLY A 70 28.17 -22.70 9.85
C GLY A 70 28.61 -22.60 11.30
N THR A 71 29.81 -23.09 11.58
CA THR A 71 30.35 -23.12 12.94
C THR A 71 30.73 -21.78 13.53
N ASP A 72 30.87 -21.84 14.85
CA ASP A 72 31.04 -20.71 15.72
C ASP A 72 32.24 -19.88 15.27
N LYS A 73 33.33 -20.60 14.99
CA LYS A 73 34.53 -20.04 14.44
C LYS A 73 34.15 -19.45 13.11
N GLU A 74 33.42 -20.24 12.32
CA GLU A 74 33.03 -19.80 10.98
C GLU A 74 32.24 -18.47 11.00
N LYS A 75 31.39 -18.26 12.01
CA LYS A 75 30.68 -16.99 12.21
C LYS A 75 31.65 -15.86 12.54
N SER A 76 32.54 -16.13 13.49
CA SER A 76 33.44 -15.11 13.98
C SER A 76 34.50 -14.68 12.93
N ASP A 77 34.90 -15.58 12.03
CA ASP A 77 35.78 -15.19 10.92
C ASP A 77 35.10 -14.23 9.98
N PHE A 78 33.82 -14.48 9.73
CA PHE A 78 33.07 -13.67 8.80
C PHE A 78 33.03 -12.22 9.28
N VAL A 79 32.60 -12.06 10.53
CA VAL A 79 32.66 -10.80 11.28
C VAL A 79 33.98 -10.03 11.16
N THR A 80 35.11 -10.72 11.37
CA THR A 80 36.45 -10.08 11.41
C THR A 80 36.86 -9.64 10.00
N LEU A 81 36.62 -10.56 9.08
CA LEU A 81 36.93 -10.36 7.69
C LEU A 81 36.10 -9.21 7.13
N THR A 82 34.81 -9.14 7.52
CA THR A 82 33.91 -8.06 7.04
C THR A 82 34.39 -6.70 7.56
N MET A 83 34.65 -6.65 8.84
CA MET A 83 35.11 -5.40 9.45
C MET A 83 36.46 -4.97 8.94
N SER A 84 37.29 -5.94 8.60
CA SER A 84 38.61 -5.61 8.07
C SER A 84 38.52 -4.83 6.75
N ARG A 85 37.39 -4.97 6.06
CA ARG A 85 37.24 -4.29 4.79
C ARG A 85 36.65 -2.92 4.94
N ILE A 86 36.44 -2.44 6.19
CA ILE A 86 35.94 -1.09 6.32
C ILE A 86 36.99 -0.21 6.97
N LYS A 87 37.46 0.84 6.28
CA LYS A 87 38.42 1.78 6.85
C LYS A 87 37.71 3.15 6.97
N THR A 88 38.28 4.05 7.74
CA THR A 88 37.59 5.32 7.96
C THR A 88 38.57 6.42 7.68
N CYS A 89 38.05 7.61 7.52
CA CYS A 89 38.86 8.73 7.20
C CYS A 89 37.99 9.93 7.49
N ASN A 90 38.61 10.99 7.99
CA ASN A 90 37.89 12.19 8.37
C ASN A 90 37.95 13.28 7.33
N ASN A 91 38.53 12.95 6.21
CA ASN A 91 38.69 13.97 5.19
C ASN A 91 38.08 13.44 3.89
N VAL A 92 37.09 14.15 3.32
CA VAL A 92 36.45 13.67 2.09
C VAL A 92 37.43 13.54 0.91
N SER A 93 38.26 14.54 0.68
CA SER A 93 39.20 14.44 -0.46
C SER A 93 40.10 13.19 -0.35
N THR A 94 40.63 12.94 0.87
CA THR A 94 41.58 11.86 1.03
C THR A 94 40.87 10.54 0.79
N ALA A 95 39.63 10.47 1.30
CA ALA A 95 38.90 9.19 1.38
C ALA A 95 38.51 8.75 -0.01
N VAL A 96 38.24 9.69 -0.92
CA VAL A 96 37.77 9.31 -2.27
C VAL A 96 38.81 9.24 -3.38
N ALA A 97 40.02 9.67 -3.08
CA ALA A 97 41.12 9.68 -4.03
C ALA A 97 41.24 8.37 -4.82
N ASP A 98 41.01 7.22 -4.23
CA ASP A 98 41.35 6.01 -4.98
C ASP A 98 40.17 5.11 -5.18
N ALA A 99 38.97 5.58 -4.82
CA ALA A 99 37.76 4.73 -5.00
C ALA A 99 37.32 4.61 -6.47
N ASP A 100 36.88 3.40 -6.85
CA ASP A 100 36.17 3.12 -8.12
C ASP A 100 34.73 3.67 -8.10
N LEU A 101 34.02 3.48 -6.98
CA LEU A 101 32.63 3.91 -6.83
C LEU A 101 32.50 4.82 -5.60
N ILE A 102 31.91 5.99 -5.74
CA ILE A 102 31.69 6.88 -4.61
C ILE A 102 30.19 7.11 -4.40
N ILE A 103 29.75 6.86 -3.17
CA ILE A 103 28.35 7.02 -2.72
C ILE A 103 28.21 8.14 -1.66
N GLU A 104 27.61 9.27 -2.05
CA GLU A 104 27.25 10.33 -1.09
C GLU A 104 25.96 9.93 -0.35
N ALA A 105 26.01 9.99 0.97
CA ALA A 105 24.86 9.62 1.81
C ALA A 105 24.87 10.63 2.96
N ALA A 106 24.59 11.87 2.63
CA ALA A 106 24.63 12.95 3.58
C ALA A 106 23.15 13.26 3.78
N ILE A 107 22.82 14.14 4.72
CA ILE A 107 21.40 14.52 4.85
C ILE A 107 20.81 15.19 3.58
N GLU A 108 19.49 15.29 3.54
CA GLU A 108 18.78 15.88 2.44
C GLU A 108 18.91 17.40 2.55
N ASN A 109 20.03 17.96 2.12
CA ASN A 109 20.14 19.39 1.97
C ASN A 109 20.94 19.55 0.67
N ILE A 110 20.35 20.22 -0.32
CA ILE A 110 20.87 20.18 -1.68
C ILE A 110 22.23 20.88 -1.75
N ASP A 111 22.35 22.04 -1.12
CA ASP A 111 23.60 22.82 -1.15
C ASP A 111 24.71 22.03 -0.47
N LEU A 112 24.36 21.23 0.52
CA LEU A 112 25.42 20.45 1.16
C LEU A 112 25.89 19.32 0.24
N LYS A 113 24.95 18.74 -0.50
CA LYS A 113 25.29 17.64 -1.34
C LYS A 113 26.14 18.20 -2.47
N ARG A 114 25.79 19.37 -3.00
CA ARG A 114 26.58 19.99 -4.07
C ARG A 114 27.98 20.31 -3.61
N GLY A 115 28.08 20.95 -2.44
CA GLY A 115 29.37 21.21 -1.85
C GLY A 115 30.18 19.93 -1.77
N ILE A 116 29.59 18.86 -1.27
CA ILE A 116 30.30 17.61 -1.19
C ILE A 116 30.73 17.04 -2.56
N PHE A 117 29.89 17.14 -3.58
CA PHE A 117 30.31 16.63 -4.89
C PHE A 117 31.43 17.50 -5.50
N ALA A 118 31.46 18.78 -5.14
CA ALA A 118 32.47 19.68 -5.66
C ALA A 118 33.82 19.22 -5.13
N GLN A 119 33.82 18.81 -3.87
CA GLN A 119 35.04 18.35 -3.21
C GLN A 119 35.42 16.93 -3.67
N ILE A 120 34.41 16.10 -3.98
CA ILE A 120 34.72 14.76 -4.44
C ILE A 120 35.40 14.84 -5.78
N GLU A 121 34.87 15.69 -6.66
CA GLU A 121 35.36 15.71 -8.02
C GLU A 121 36.74 16.41 -8.11
N GLN A 122 37.12 17.24 -7.15
CA GLN A 122 38.49 17.76 -7.15
C GLN A 122 39.53 16.68 -6.86
N SER A 123 39.09 15.55 -6.31
CA SER A 123 40.02 14.59 -5.81
C SER A 123 39.82 13.19 -6.38
N CYS A 124 38.70 12.88 -7.01
CA CYS A 124 38.53 11.46 -7.43
C CYS A 124 39.15 11.02 -8.78
N LYS A 125 39.29 9.72 -9.00
CA LYS A 125 39.80 9.21 -10.28
C LYS A 125 38.87 9.59 -11.42
N LYS A 126 39.41 9.71 -12.61
CA LYS A 126 38.67 10.20 -13.76
C LYS A 126 37.53 9.27 -14.18
N ASP A 127 37.76 7.98 -14.10
CA ASP A 127 36.83 6.98 -14.56
C ASP A 127 35.99 6.47 -13.38
N SER A 128 36.05 7.14 -12.24
CA SER A 128 35.32 6.66 -11.08
C SER A 128 33.84 7.03 -11.18
N ILE A 129 32.98 6.18 -10.64
CA ILE A 129 31.55 6.48 -10.67
C ILE A 129 31.12 7.15 -9.37
N LEU A 130 30.35 8.23 -9.49
CA LEU A 130 29.79 9.04 -8.43
C LEU A 130 28.26 8.83 -8.32
N THR A 131 27.75 8.62 -7.10
CA THR A 131 26.33 8.40 -6.91
C THR A 131 25.87 9.17 -5.72
N THR A 132 24.58 9.46 -5.73
CA THR A 132 23.93 10.03 -4.57
C THR A 132 22.82 9.12 -4.06
N ASN A 133 22.46 9.26 -2.79
CA ASN A 133 21.47 8.40 -2.23
C ASN A 133 20.20 9.13 -2.06
N THR A 134 20.14 10.36 -2.54
CA THR A 134 19.03 11.23 -2.19
C THR A 134 17.68 10.66 -2.67
N SER A 135 16.59 11.04 -2.02
CA SER A 135 15.27 10.80 -2.60
C SER A 135 14.56 12.11 -2.69
N SER A 136 15.11 13.14 -2.06
CA SER A 136 14.38 14.39 -2.00
C SER A 136 14.64 15.31 -3.16
N PHE A 137 15.70 15.08 -3.88
CA PHE A 137 16.04 15.99 -4.95
C PHE A 137 16.19 15.23 -6.26
N LEU A 138 16.12 15.95 -7.36
CA LEU A 138 16.44 15.43 -8.69
C LEU A 138 17.96 15.22 -8.89
N LEU A 139 18.36 14.08 -9.42
CA LEU A 139 19.76 13.90 -9.84
C LEU A 139 20.29 15.12 -10.66
N GLU A 140 19.47 15.65 -11.55
CA GLU A 140 19.90 16.71 -12.43
C GLU A 140 20.34 17.89 -11.57
N ASP A 141 19.56 18.22 -10.53
CA ASP A 141 19.91 19.30 -9.57
C ASP A 141 21.11 18.98 -8.67
N VAL A 142 21.18 17.76 -8.13
CA VAL A 142 22.37 17.40 -7.34
C VAL A 142 23.64 17.48 -8.19
N ALA A 143 23.51 17.13 -9.47
CA ALA A 143 24.67 16.94 -10.33
C ALA A 143 25.05 18.18 -11.09
N LYS A 144 24.33 19.26 -10.85
CA LYS A 144 24.40 20.44 -11.66
C LYS A 144 25.81 21.00 -11.83
N GLY A 145 26.62 20.94 -10.80
CA GLY A 145 27.95 21.49 -10.89
C GLY A 145 29.00 20.58 -11.52
N LEU A 146 28.68 19.31 -11.79
CA LEU A 146 29.72 18.34 -12.20
C LEU A 146 30.31 18.59 -13.55
N GLN A 147 31.59 18.28 -13.70
CA GLN A 147 32.27 18.33 -15.01
C GLN A 147 31.83 17.15 -15.87
N ASP A 148 31.97 15.92 -15.40
CA ASP A 148 31.48 14.75 -16.15
C ASP A 148 30.16 14.15 -15.60
N LYS A 149 29.02 14.44 -16.21
CA LYS A 149 27.75 13.89 -15.66
C LYS A 149 27.41 12.52 -16.19
N THR A 150 28.17 12.00 -17.16
CA THR A 150 27.88 10.67 -17.70
C THR A 150 28.30 9.64 -16.70
N ARG A 151 29.09 10.05 -15.74
CA ARG A 151 29.42 9.02 -14.78
C ARG A 151 28.61 9.25 -13.47
N PHE A 152 27.58 10.07 -13.46
CA PHE A 152 26.90 10.24 -12.19
C PHE A 152 25.60 9.44 -12.26
N GLY A 153 25.15 8.88 -11.14
CA GLY A 153 23.81 8.21 -11.05
C GLY A 153 23.27 8.14 -9.62
N GLY A 154 22.21 7.35 -9.40
CA GLY A 154 21.52 7.36 -8.13
C GLY A 154 21.45 5.99 -7.63
N LEU A 155 21.75 5.85 -6.36
CA LEU A 155 21.57 4.61 -5.66
C LEU A 155 20.74 4.89 -4.44
N HIS A 156 19.43 4.67 -4.55
CA HIS A 156 18.53 4.94 -3.48
C HIS A 156 18.28 3.70 -2.67
N PHE A 157 19.02 3.52 -1.59
CA PHE A 157 18.76 2.42 -0.67
C PHE A 157 17.57 2.70 0.31
N PHE A 158 17.09 1.71 1.02
CA PHE A 158 16.00 1.88 1.98
C PHE A 158 16.46 1.49 3.40
N ASN A 159 16.25 2.36 4.39
CA ASN A 159 16.55 1.99 5.81
C ASN A 159 15.62 0.91 6.38
N PRO A 160 16.12 -0.01 7.24
CA PRO A 160 17.54 -0.27 7.58
C PRO A 160 18.14 -1.06 6.45
N VAL A 161 19.21 -0.52 5.89
CA VAL A 161 19.86 -1.08 4.70
C VAL A 161 20.23 -2.55 4.80
N PRO A 162 20.71 -2.99 5.97
CA PRO A 162 21.02 -4.43 5.97
C PRO A 162 19.78 -5.32 5.94
N VAL A 163 18.62 -4.76 6.24
CA VAL A 163 17.41 -5.55 6.19
C VAL A 163 16.65 -5.43 4.84
N MET A 164 16.52 -4.23 4.29
CA MET A 164 15.69 -4.00 3.09
C MET A 164 16.40 -4.43 1.81
N LYS A 165 15.82 -5.40 1.09
CA LYS A 165 16.30 -5.87 -0.25
C LYS A 165 16.19 -4.85 -1.38
N LEU A 166 15.30 -3.86 -1.28
CA LEU A 166 15.01 -3.01 -2.44
C LEU A 166 16.08 -2.00 -2.69
N LEU A 167 16.41 -1.77 -3.96
CA LEU A 167 17.26 -0.66 -4.32
C LEU A 167 16.81 0.00 -5.62
N GLU A 168 16.52 1.27 -5.53
CA GLU A 168 16.13 2.00 -6.73
C GLU A 168 17.44 2.48 -7.34
N VAL A 169 17.72 2.17 -8.63
CA VAL A 169 18.93 2.66 -9.33
C VAL A 169 18.46 3.66 -10.36
N ILE A 170 18.98 4.90 -10.31
CA ILE A 170 18.39 6.02 -11.02
C ILE A 170 19.40 6.58 -12.01
N ARG A 171 18.95 6.87 -13.25
CA ARG A 171 19.81 7.52 -14.27
C ARG A 171 19.27 8.89 -14.47
N SER A 172 20.16 9.86 -14.50
CA SER A 172 19.83 11.20 -14.91
C SER A 172 19.82 11.17 -16.42
N ASP A 173 19.62 12.36 -16.96
CA ASP A 173 19.55 12.52 -18.38
C ASP A 173 20.93 12.31 -19.00
N ASP A 174 21.99 12.42 -18.19
CA ASP A 174 23.37 12.23 -18.67
C ASP A 174 24.06 10.87 -18.37
N THR A 175 23.57 10.11 -17.38
CA THR A 175 24.21 8.86 -17.04
C THR A 175 24.41 8.06 -18.34
N SER A 176 25.63 7.58 -18.59
CA SER A 176 25.89 6.68 -19.73
C SER A 176 25.35 5.30 -19.41
N ASP A 177 25.09 4.51 -20.45
CA ASP A 177 24.64 3.12 -20.33
C ASP A 177 25.67 2.33 -19.60
N GLU A 178 26.93 2.65 -19.86
CA GLU A 178 28.03 1.98 -19.20
C GLU A 178 27.91 2.20 -17.68
N THR A 179 27.60 3.42 -17.28
CA THR A 179 27.59 3.78 -15.83
C THR A 179 26.38 3.06 -15.20
N TYR A 180 25.25 3.20 -15.91
CA TYR A 180 24.01 2.54 -15.49
C TYR A 180 24.18 1.09 -15.33
N ALA A 181 24.80 0.45 -16.29
CA ALA A 181 24.82 -1.04 -16.25
C ALA A 181 25.67 -1.54 -15.08
N THR A 182 26.77 -0.83 -14.84
CA THR A 182 27.63 -1.03 -13.67
C THR A 182 26.93 -0.80 -12.31
N LEU A 183 26.14 0.27 -12.20
CA LEU A 183 25.31 0.49 -11.02
C LEU A 183 24.34 -0.67 -10.78
N ILE A 184 23.63 -1.11 -11.84
CA ILE A 184 22.72 -2.23 -11.67
C ILE A 184 23.47 -3.47 -11.21
N LYS A 185 24.63 -3.69 -11.82
CA LYS A 185 25.47 -4.78 -11.43
C LYS A 185 26.01 -4.59 -10.00
N PHE A 186 26.41 -3.39 -9.60
CA PHE A 186 26.84 -3.24 -8.22
C PHE A 186 25.67 -3.55 -7.25
N GLY A 187 24.48 -3.02 -7.55
CA GLY A 187 23.34 -3.24 -6.66
C GLY A 187 23.12 -4.70 -6.40
N THR A 188 23.15 -5.47 -7.47
CA THR A 188 22.94 -6.90 -7.39
C THR A 188 24.05 -7.57 -6.62
N ALA A 189 25.30 -7.15 -6.83
CA ALA A 189 26.43 -7.72 -6.07
C ALA A 189 26.34 -7.44 -4.57
N VAL A 190 25.66 -6.34 -4.16
CA VAL A 190 25.58 -6.10 -2.69
C VAL A 190 24.33 -6.71 -2.10
N GLY A 191 23.71 -7.62 -2.85
CA GLY A 191 22.58 -8.37 -2.32
C GLY A 191 21.22 -7.68 -2.52
N LYS A 192 21.14 -6.65 -3.36
CA LYS A 192 19.87 -5.91 -3.52
C LYS A 192 19.07 -6.45 -4.66
N THR A 193 17.76 -6.19 -4.65
CA THR A 193 16.90 -6.43 -5.80
C THR A 193 16.77 -5.06 -6.39
N THR A 194 17.30 -4.89 -7.59
CA THR A 194 17.28 -3.56 -8.14
C THR A 194 16.02 -3.36 -8.96
N VAL A 195 15.58 -2.11 -9.08
CA VAL A 195 14.54 -1.71 -9.99
C VAL A 195 15.08 -0.43 -10.59
N ALA A 196 14.73 -0.17 -11.84
CA ALA A 196 15.39 0.85 -12.65
C ALA A 196 14.45 2.02 -12.66
N CYS A 197 14.88 3.23 -12.40
CA CYS A 197 13.96 4.32 -12.57
C CYS A 197 14.64 5.50 -13.19
N LYS A 198 13.89 6.38 -13.83
CA LYS A 198 14.48 7.57 -14.38
C LYS A 198 14.49 8.70 -13.34
N ASP A 199 15.07 9.86 -13.66
CA ASP A 199 15.19 11.01 -12.76
C ASP A 199 13.81 11.62 -12.82
N SER A 200 12.90 11.15 -12.00
CA SER A 200 11.57 11.74 -11.98
C SER A 200 11.28 11.88 -10.50
N PRO A 201 10.58 12.95 -10.13
CA PRO A 201 10.42 13.28 -8.71
C PRO A 201 9.88 12.13 -7.90
N GLY A 202 10.64 11.64 -6.93
CA GLY A 202 10.18 10.56 -6.04
C GLY A 202 10.44 9.17 -6.59
N PHE A 203 11.03 9.09 -7.78
CA PHE A 203 11.36 7.80 -8.36
C PHE A 203 10.11 6.94 -8.40
N ILE A 204 10.17 5.65 -8.03
CA ILE A 204 8.95 4.87 -7.91
C ILE A 204 8.23 4.92 -6.52
N VAL A 205 8.94 4.58 -5.44
CA VAL A 205 8.28 4.30 -4.14
C VAL A 205 7.73 5.59 -3.50
N ASN A 206 8.55 6.64 -3.45
CA ASN A 206 7.99 7.89 -2.91
C ASN A 206 6.96 8.51 -3.79
N ARG A 207 7.18 8.48 -5.10
CA ARG A 207 6.26 9.17 -6.01
C ARG A 207 4.86 8.63 -5.87
N LEU A 208 4.74 7.41 -5.41
CA LEU A 208 3.48 6.74 -5.24
C LEU A 208 2.99 6.79 -3.77
N LEU A 209 3.88 6.57 -2.79
CA LEU A 209 3.41 6.50 -1.38
C LEU A 209 3.09 7.88 -0.80
N ILE A 210 3.81 8.90 -1.22
CA ILE A 210 3.63 10.19 -0.58
C ILE A 210 2.33 10.86 -0.96
N PRO A 211 1.99 10.89 -2.27
CA PRO A 211 0.65 11.38 -2.65
C PRO A 211 -0.46 10.49 -2.07
N TYR A 212 -0.24 9.18 -1.94
CA TYR A 212 -1.23 8.34 -1.29
C TYR A 212 -1.43 8.77 0.18
N PHE A 213 -0.34 9.02 0.91
CA PHE A 213 -0.51 9.54 2.23
C PHE A 213 -1.24 10.90 2.12
N PHE A 214 -0.90 11.75 1.16
CA PHE A 214 -1.61 13.04 1.13
C PHE A 214 -3.13 12.93 0.87
N GLU A 215 -3.50 11.89 0.12
CA GLU A 215 -4.87 11.59 -0.14
C GLU A 215 -5.59 11.13 1.09
N ALA A 216 -4.96 10.28 1.88
CA ALA A 216 -5.55 9.91 3.18
C ALA A 216 -5.77 11.13 4.09
N ALA A 217 -4.82 12.05 4.06
CA ALA A 217 -4.93 13.26 4.95
C ALA A 217 -6.13 14.12 4.50
N ARG A 218 -6.24 14.30 3.19
CA ARG A 218 -7.36 14.99 2.57
C ARG A 218 -8.74 14.37 2.95
N MET A 219 -8.80 13.05 2.92
CA MET A 219 -10.00 12.31 3.23
C MET A 219 -10.34 12.63 4.67
N TYR A 220 -9.32 12.59 5.55
CA TYR A 220 -9.56 12.93 6.95
C TYR A 220 -10.00 14.41 7.09
N GLU A 221 -9.32 15.35 6.45
CA GLU A 221 -9.73 16.75 6.52
C GLU A 221 -11.13 17.00 5.98
N ARG A 222 -11.60 16.27 4.98
CA ARG A 222 -13.01 16.37 4.53
C ARG A 222 -14.00 15.89 5.59
N GLY A 223 -13.56 15.12 6.57
CA GLY A 223 -14.44 14.56 7.56
C GLY A 223 -15.08 13.25 7.07
N ASP A 224 -14.58 12.67 6.00
CA ASP A 224 -15.17 11.43 5.51
C ASP A 224 -14.97 10.19 6.40
N ALA A 225 -13.89 10.18 7.17
CA ALA A 225 -13.61 9.04 8.05
C ALA A 225 -12.59 9.48 9.08
N SER A 226 -12.49 8.73 10.18
CA SER A 226 -11.61 9.16 11.22
C SER A 226 -10.19 8.65 10.81
N MET A 227 -9.22 9.29 11.43
CA MET A 227 -7.81 8.97 11.24
C MET A 227 -7.46 7.51 11.56
N THR A 228 -7.88 7.01 12.69
CA THR A 228 -7.52 5.64 13.06
C THR A 228 -8.34 4.59 12.29
N ASP A 229 -9.55 4.96 11.85
CA ASP A 229 -10.34 4.12 10.89
C ASP A 229 -9.65 3.96 9.56
N ILE A 230 -9.21 5.09 8.97
CA ILE A 230 -8.42 5.04 7.77
C ILE A 230 -7.24 4.08 7.92
N ASP A 231 -6.46 4.25 8.99
CA ASP A 231 -5.29 3.43 9.18
C ASP A 231 -5.61 1.94 9.32
N GLU A 232 -6.63 1.65 10.12
CA GLU A 232 -7.12 0.31 10.24
C GLU A 232 -7.63 -0.29 8.86
N ALA A 233 -8.42 0.51 8.16
CA ALA A 233 -8.92 0.09 6.86
C ALA A 233 -7.80 -0.30 5.89
N MET A 234 -6.70 0.47 5.88
CA MET A 234 -5.65 0.19 4.89
C MET A 234 -4.88 -1.05 5.36
N LYS A 235 -4.71 -1.17 6.65
CA LYS A 235 -4.00 -2.34 7.20
C LYS A 235 -4.80 -3.58 6.99
N LEU A 236 -6.06 -3.57 7.40
CA LEU A 236 -6.86 -4.77 7.31
C LEU A 236 -7.44 -5.02 5.89
N GLY A 237 -7.83 -3.98 5.16
CA GLY A 237 -8.41 -4.18 3.85
C GLY A 237 -7.41 -4.34 2.72
N ALA A 238 -6.32 -3.57 2.74
CA ALA A 238 -5.31 -3.65 1.70
C ALA A 238 -4.15 -4.51 2.15
N GLY A 239 -4.09 -4.92 3.44
CA GLY A 239 -3.01 -5.79 3.94
C GLY A 239 -1.67 -5.02 4.03
N HIS A 240 -1.72 -3.70 4.15
CA HIS A 240 -0.46 -2.95 4.32
C HIS A 240 0.10 -3.12 5.71
N PRO A 241 1.43 -3.15 5.83
CA PRO A 241 2.01 -3.34 7.21
C PRO A 241 1.70 -2.11 8.13
N MET A 242 1.60 -0.91 7.55
CA MET A 242 1.20 0.34 8.24
C MET A 242 0.05 1.05 7.53
N GLY A 243 -0.74 1.84 8.23
CA GLY A 243 -1.78 2.66 7.62
C GLY A 243 -1.11 3.94 7.21
N PRO A 244 -1.76 4.73 6.36
CA PRO A 244 -1.02 5.89 5.88
C PRO A 244 -0.55 6.94 6.91
N PHE A 245 -1.27 7.13 8.02
CA PHE A 245 -0.81 8.16 8.96
C PHE A 245 0.39 7.65 9.73
N GLU A 246 0.41 6.34 10.01
CA GLU A 246 1.54 5.70 10.69
C GLU A 246 2.73 5.77 9.76
N LEU A 247 2.52 5.47 8.51
CA LEU A 247 3.54 5.48 7.50
C LEU A 247 4.20 6.87 7.44
N ALA A 248 3.37 7.90 7.37
CA ALA A 248 3.88 9.30 7.48
C ALA A 248 4.72 9.57 8.75
N ASP A 249 4.27 9.05 9.89
CA ASP A 249 4.95 9.27 11.16
C ASP A 249 6.28 8.55 11.06
N TYR A 250 6.29 7.48 10.27
CA TYR A 250 7.49 6.65 10.20
C TYR A 250 8.53 7.27 9.25
N ILE A 251 8.08 7.78 8.12
CA ILE A 251 8.95 8.53 7.24
C ILE A 251 9.37 9.88 7.86
N GLY A 252 8.55 10.47 8.72
CA GLY A 252 8.86 11.80 9.24
C GLY A 252 7.95 12.80 8.65
N LEU A 253 7.30 13.66 9.47
CA LEU A 253 6.33 14.62 8.90
C LEU A 253 7.06 15.79 8.30
N ASP A 254 8.26 16.09 8.82
CA ASP A 254 9.06 17.10 8.16
C ASP A 254 9.55 16.64 6.74
N THR A 255 9.97 15.38 6.56
CA THR A 255 10.29 14.89 5.18
C THR A 255 9.10 14.98 4.21
N VAL A 256 7.98 14.36 4.58
CA VAL A 256 6.78 14.34 3.70
C VAL A 256 6.38 15.77 3.41
N LYS A 257 6.47 16.62 4.43
CA LYS A 257 6.08 18.04 4.21
C LYS A 257 7.02 18.64 3.17
N PHE A 258 8.32 18.43 3.35
CA PHE A 258 9.30 19.12 2.49
C PHE A 258 9.21 18.58 1.05
N VAL A 259 9.12 17.26 0.92
CA VAL A 259 8.97 16.69 -0.40
C VAL A 259 7.72 17.22 -1.10
N MET A 260 6.58 17.24 -0.42
CA MET A 260 5.32 17.67 -1.10
C MET A 260 5.40 19.16 -1.43
N ASP A 261 6.03 19.96 -0.54
CA ASP A 261 6.11 21.40 -0.73
C ASP A 261 6.92 21.62 -2.01
N GLY A 262 7.98 20.82 -2.18
CA GLY A 262 8.83 20.89 -3.35
C GLY A 262 8.08 20.58 -4.62
N TRP A 263 7.37 19.46 -4.63
CA TRP A 263 6.60 19.10 -5.81
C TRP A 263 5.55 20.09 -6.16
N ALA A 264 4.84 20.59 -5.15
CA ALA A 264 3.77 21.55 -5.40
C ALA A 264 4.27 22.77 -6.22
N ALA A 265 5.40 23.33 -5.79
CA ALA A 265 5.98 24.52 -6.41
C ALA A 265 6.62 24.20 -7.78
N LYS A 266 7.18 23.01 -7.93
CA LYS A 266 7.89 22.66 -9.15
C LYS A 266 6.93 22.19 -10.25
N TYR A 267 5.88 21.45 -9.90
CA TYR A 267 4.88 21.04 -10.89
C TYR A 267 3.64 21.71 -10.34
N PRO A 268 3.40 22.95 -10.81
CA PRO A 268 2.27 23.84 -10.47
C PRO A 268 0.91 23.41 -11.06
N GLU A 269 0.95 22.74 -12.21
CA GLU A 269 -0.21 22.15 -12.90
C GLU A 269 -0.75 20.82 -12.29
N VAL A 270 -0.02 20.23 -11.35
CA VAL A 270 -0.35 18.91 -10.81
C VAL A 270 -1.18 19.15 -9.59
N GLN A 271 -2.48 18.91 -9.74
CA GLN A 271 -3.43 19.13 -8.65
C GLN A 271 -3.19 18.18 -7.47
N LEU A 272 -2.80 16.93 -7.73
CA LEU A 272 -2.45 15.95 -6.69
C LEU A 272 -1.37 16.49 -5.71
N PHE A 273 -0.54 17.43 -6.13
CA PHE A 273 0.53 17.95 -5.24
C PHE A 273 -0.02 19.20 -4.59
N GLU A 274 -0.07 19.21 -3.27
CA GLU A 274 -0.65 20.35 -2.61
C GLU A 274 -0.31 20.07 -1.22
N ALA A 275 -0.28 21.14 -0.42
CA ALA A 275 0.14 21.03 0.96
C ALA A 275 -1.10 20.68 1.71
N SER A 276 -0.92 20.24 2.93
CA SER A 276 -1.99 19.89 3.80
C SER A 276 -1.92 20.74 5.10
N PRO A 277 -2.98 21.49 5.39
CA PRO A 277 -3.06 22.31 6.60
C PRO A 277 -2.81 21.46 7.85
N LEU A 278 -3.27 20.23 7.85
CA LEU A 278 -3.04 19.40 9.02
C LEU A 278 -1.55 19.02 9.16
N VAL A 279 -0.86 18.62 8.08
CA VAL A 279 0.56 18.29 8.14
C VAL A 279 1.38 19.52 8.54
N ASP A 280 1.05 20.67 7.98
CA ASP A 280 1.76 21.89 8.31
C ASP A 280 1.58 22.23 9.77
N LYS A 281 0.34 22.12 10.28
CA LYS A 281 0.12 22.42 11.70
C LYS A 281 0.98 21.50 12.59
N LEU A 282 0.99 20.19 12.37
CA LEU A 282 1.85 19.33 13.20
C LEU A 282 3.34 19.70 13.13
N VAL A 283 3.83 20.03 11.93
CA VAL A 283 5.24 20.31 11.74
C VAL A 283 5.54 21.64 12.45
N ALA A 284 4.65 22.64 12.27
CA ALA A 284 4.76 23.92 13.01
C ALA A 284 4.79 23.78 14.53
N GLU A 285 4.28 22.66 15.06
CA GLU A 285 4.33 22.39 16.48
C GLU A 285 5.50 21.51 16.80
N GLY A 286 6.26 21.11 15.79
CA GLY A 286 7.38 20.23 16.05
C GLY A 286 7.00 18.80 16.37
N LYS A 287 5.78 18.41 16.00
CA LYS A 287 5.44 16.99 16.11
C LYS A 287 5.80 16.39 14.75
N LEU A 288 6.97 15.77 14.68
CA LEU A 288 7.49 15.35 13.41
C LEU A 288 7.35 13.87 13.19
N GLY A 289 6.75 13.15 14.12
CA GLY A 289 6.47 11.71 13.90
C GLY A 289 7.30 10.85 14.82
N ARG A 290 7.63 9.62 14.41
CA ARG A 290 8.34 8.74 15.32
C ARG A 290 9.58 9.40 15.91
N LYS A 291 10.31 10.12 15.05
CA LYS A 291 11.64 10.62 15.42
C LYS A 291 11.62 11.62 16.56
N THR A 292 10.51 12.31 16.77
CA THR A 292 10.34 13.16 17.93
C THR A 292 9.35 12.56 18.92
N GLY A 293 9.00 11.28 18.77
CA GLY A 293 7.99 10.62 19.64
C GLY A 293 6.53 11.08 19.59
N ASP A 294 6.19 11.90 18.59
CA ASP A 294 4.86 12.47 18.47
C ASP A 294 4.66 13.01 17.05
N GLY A 295 3.56 12.60 16.43
CA GLY A 295 3.15 13.05 15.11
C GLY A 295 1.63 12.92 15.02
N PHE A 296 1.12 12.16 14.04
CA PHE A 296 -0.28 11.77 14.11
C PHE A 296 -0.59 10.98 15.38
N TYR A 297 0.33 10.13 15.80
CA TYR A 297 0.23 9.33 17.03
C TYR A 297 1.40 9.67 18.02
N SER A 298 1.29 9.22 19.27
CA SER A 298 2.49 9.22 20.14
C SER A 298 3.13 7.85 20.35
N TYR A 299 4.41 7.88 20.76
CA TYR A 299 5.32 6.70 20.74
C TYR A 299 6.19 6.61 22.03
N MET B 11 -27.91 -11.21 19.08
CA MET B 11 -28.34 -9.81 19.40
C MET B 11 -29.82 -9.78 19.85
N GLN B 12 -30.23 -8.71 20.53
CA GLN B 12 -31.61 -8.59 20.96
C GLN B 12 -32.43 -8.37 19.70
N ASN B 13 -32.05 -7.34 18.94
CA ASN B 13 -32.79 -6.99 17.76
C ASN B 13 -32.60 -7.97 16.60
N ILE B 14 -31.37 -8.19 16.19
CA ILE B 14 -31.14 -8.98 15.02
C ILE B 14 -31.02 -10.45 15.44
N ARG B 15 -31.95 -11.25 14.99
CA ARG B 15 -31.84 -12.71 15.06
C ARG B 15 -31.92 -13.36 13.70
N ASN B 16 -32.70 -12.80 12.75
CA ASN B 16 -32.76 -13.41 11.44
C ASN B 16 -32.15 -12.50 10.42
N VAL B 17 -31.22 -13.04 9.66
CA VAL B 17 -30.54 -12.33 8.58
C VAL B 17 -30.80 -13.07 7.27
N ALA B 18 -31.26 -12.34 6.27
CA ALA B 18 -31.34 -12.86 4.92
C ALA B 18 -30.34 -12.25 4.02
N ILE B 19 -29.79 -13.08 3.15
CA ILE B 19 -28.74 -12.67 2.27
C ILE B 19 -29.18 -13.03 0.88
N VAL B 20 -29.14 -12.08 -0.03
CA VAL B 20 -29.51 -12.34 -1.43
C VAL B 20 -28.31 -12.20 -2.37
N GLY B 21 -27.99 -13.32 -3.03
CA GLY B 21 -26.82 -13.41 -3.93
C GLY B 21 -26.04 -14.52 -3.23
N SER B 22 -25.69 -15.58 -3.95
CA SER B 22 -24.88 -16.65 -3.40
C SER B 22 -23.52 -16.69 -4.12
N GLY B 23 -23.05 -15.56 -4.61
CA GLY B 23 -21.66 -15.46 -5.05
C GLY B 23 -20.66 -15.62 -3.88
N GLN B 24 -19.42 -15.25 -4.14
CA GLN B 24 -18.36 -15.43 -3.18
C GLN B 24 -18.61 -14.62 -1.94
N MET B 25 -18.94 -13.35 -2.11
CA MET B 25 -19.27 -12.51 -0.96
C MET B 25 -20.51 -12.97 -0.25
N GLY B 26 -21.59 -13.27 -0.96
CA GLY B 26 -22.78 -13.64 -0.22
C GLY B 26 -22.64 -14.89 0.64
N SER B 27 -21.97 -15.91 0.13
CA SER B 27 -21.83 -17.09 1.02
C SER B 27 -20.79 -16.87 2.14
N GLY B 28 -19.73 -16.12 1.86
CA GLY B 28 -18.83 -15.75 2.96
C GLY B 28 -19.59 -15.04 4.07
N ILE B 29 -20.45 -14.07 3.70
CA ILE B 29 -21.28 -13.42 4.71
C ILE B 29 -22.15 -14.42 5.46
N ALA B 30 -22.80 -15.35 4.71
CA ALA B 30 -23.71 -16.30 5.29
C ALA B 30 -22.91 -17.12 6.28
N GLN B 31 -21.68 -17.41 5.91
CA GLN B 31 -20.86 -18.31 6.74
C GLN B 31 -20.50 -17.63 8.05
N VAL B 32 -19.99 -16.40 7.98
CA VAL B 32 -19.57 -15.75 9.27
C VAL B 32 -20.78 -15.37 10.11
N THR B 33 -21.91 -15.19 9.44
CA THR B 33 -23.13 -14.84 10.16
C THR B 33 -23.67 -16.03 10.91
N ALA B 34 -23.73 -17.15 10.21
CA ALA B 34 -24.21 -18.37 10.90
C ALA B 34 -23.23 -18.78 12.01
N SER B 35 -21.93 -18.74 11.74
CA SER B 35 -20.92 -19.09 12.75
C SER B 35 -20.99 -18.24 13.99
N SER B 36 -21.43 -17.00 13.86
CA SER B 36 -21.58 -16.14 15.01
C SER B 36 -22.89 -16.39 15.74
N GLY B 37 -23.67 -17.37 15.31
CA GLY B 37 -24.93 -17.64 16.01
C GLY B 37 -26.21 -16.92 15.57
N PHE B 38 -26.23 -16.35 14.39
CA PHE B 38 -27.50 -15.78 13.88
C PHE B 38 -28.14 -16.84 12.98
N ASN B 39 -29.45 -16.75 12.78
CA ASN B 39 -30.09 -17.53 11.69
C ASN B 39 -29.98 -16.84 10.37
N VAL B 40 -29.65 -17.63 9.35
CA VAL B 40 -29.40 -17.13 8.04
C VAL B 40 -30.34 -17.81 7.04
N MET B 41 -30.95 -17.01 6.18
CA MET B 41 -31.56 -17.51 4.98
C MET B 41 -30.71 -17.02 3.81
N LEU B 42 -30.25 -17.96 2.98
CA LEU B 42 -29.53 -17.57 1.79
C LEU B 42 -30.39 -17.79 0.54
N ALA B 43 -30.47 -16.75 -0.31
CA ALA B 43 -31.45 -16.69 -1.37
C ALA B 43 -30.82 -16.39 -2.73
N ASP B 44 -31.28 -17.12 -3.74
CA ASP B 44 -30.79 -16.96 -5.11
C ASP B 44 -31.78 -17.73 -6.00
N VAL B 45 -32.12 -17.17 -7.15
CA VAL B 45 -33.06 -17.83 -8.02
C VAL B 45 -32.38 -19.07 -8.70
N ASN B 46 -31.06 -18.97 -8.94
CA ASN B 46 -30.27 -20.02 -9.55
C ASN B 46 -29.87 -21.13 -8.55
N LYS B 47 -30.46 -22.31 -8.73
CA LYS B 47 -30.23 -23.42 -7.82
C LYS B 47 -28.82 -23.97 -7.91
N LYS B 48 -28.23 -23.97 -9.09
CA LYS B 48 -26.83 -24.41 -9.17
C LYS B 48 -25.94 -23.54 -8.28
N ALA B 49 -26.15 -22.22 -8.31
CA ALA B 49 -25.26 -21.33 -7.57
C ALA B 49 -25.42 -21.62 -6.09
N LEU B 50 -26.65 -21.89 -5.68
CA LEU B 50 -26.98 -22.05 -4.30
C LEU B 50 -26.38 -23.32 -3.72
N ASP B 51 -26.45 -24.41 -4.50
CA ASP B 51 -25.92 -25.72 -4.11
C ASP B 51 -24.40 -25.65 -4.09
N ARG B 52 -23.82 -24.91 -5.02
CA ARG B 52 -22.41 -24.63 -4.96
C ARG B 52 -22.00 -23.85 -3.72
N ALA B 53 -22.71 -22.78 -3.42
CA ALA B 53 -22.44 -22.01 -2.21
C ALA B 53 -22.56 -22.87 -0.95
N MET B 54 -23.61 -23.69 -0.84
CA MET B 54 -23.83 -24.50 0.36
C MET B 54 -22.72 -25.50 0.58
N LYS B 55 -22.13 -25.95 -0.53
CA LYS B 55 -21.06 -26.92 -0.47
C LYS B 55 -19.75 -26.24 -0.07
N ALA B 56 -19.41 -25.12 -0.69
CA ALA B 56 -18.27 -24.27 -0.27
C ALA B 56 -18.33 -23.91 1.20
N ILE B 57 -19.47 -23.39 1.66
CA ILE B 57 -19.61 -23.09 3.08
C ILE B 57 -19.36 -24.30 4.02
N SER B 58 -19.95 -25.44 3.72
CA SER B 58 -19.72 -26.55 4.61
C SER B 58 -18.24 -26.96 4.57
N GLN B 59 -17.64 -26.96 3.40
CA GLN B 59 -16.22 -27.22 3.35
C GLN B 59 -15.38 -26.21 4.09
N SER B 60 -15.67 -24.91 3.91
CA SER B 60 -14.93 -23.87 4.63
C SER B 60 -15.14 -23.99 6.13
N VAL B 61 -16.34 -24.32 6.56
CA VAL B 61 -16.57 -24.45 7.99
C VAL B 61 -15.85 -25.70 8.57
N THR B 62 -15.95 -26.83 7.86
CA THR B 62 -15.20 -28.03 8.24
C THR B 62 -13.71 -27.73 8.40
N HIS B 63 -13.11 -27.20 7.33
CA HIS B 63 -11.70 -26.81 7.35
C HIS B 63 -11.31 -25.91 8.52
N LEU B 64 -12.03 -24.81 8.74
CA LEU B 64 -11.70 -23.87 9.82
C LEU B 64 -11.89 -24.48 11.20
N SER B 65 -12.90 -25.35 11.36
CA SER B 65 -13.12 -26.06 12.60
C SER B 65 -11.84 -26.81 13.03
N LYS B 66 -11.15 -27.45 12.09
CA LYS B 66 -9.86 -28.10 12.43
C LYS B 66 -8.82 -27.06 12.92
N THR B 71 -11.03 -30.99 19.86
CA THR B 71 -11.98 -32.05 20.23
C THR B 71 -12.75 -32.61 19.04
N ASP B 72 -12.77 -33.93 18.93
CA ASP B 72 -13.21 -34.55 17.67
C ASP B 72 -14.71 -34.76 17.45
N LYS B 73 -15.51 -34.66 18.51
CA LYS B 73 -16.93 -34.52 18.32
C LYS B 73 -17.18 -33.06 18.42
N GLU B 74 -16.53 -32.46 19.40
CA GLU B 74 -16.89 -31.12 19.79
C GLU B 74 -16.90 -30.32 18.51
N LYS B 75 -15.94 -30.62 17.64
CA LYS B 75 -15.78 -29.96 16.36
C LYS B 75 -16.85 -30.33 15.33
N SER B 76 -17.20 -31.61 15.27
CA SER B 76 -18.23 -32.05 14.35
C SER B 76 -19.54 -31.34 14.71
N ASP B 77 -19.76 -31.17 16.01
CA ASP B 77 -20.96 -30.53 16.50
C ASP B 77 -21.01 -29.07 16.11
N PHE B 78 -19.87 -28.39 16.14
CA PHE B 78 -19.84 -27.00 15.73
C PHE B 78 -20.23 -26.93 14.26
N VAL B 79 -19.67 -27.82 13.44
CA VAL B 79 -19.92 -27.77 12.03
C VAL B 79 -21.40 -27.97 11.76
N THR B 80 -22.01 -28.85 12.54
CA THR B 80 -23.38 -29.25 12.26
C THR B 80 -24.34 -28.14 12.65
N LEU B 81 -24.06 -27.58 13.83
CA LEU B 81 -24.87 -26.53 14.42
C LEU B 81 -24.79 -25.31 13.54
N THR B 82 -23.56 -24.97 13.10
CA THR B 82 -23.31 -23.84 12.17
C THR B 82 -24.14 -23.98 10.90
N MET B 83 -24.02 -25.13 10.27
CA MET B 83 -24.78 -25.40 9.04
C MET B 83 -26.27 -25.49 9.26
N SER B 84 -26.72 -25.98 10.42
CA SER B 84 -28.14 -25.97 10.71
C SER B 84 -28.76 -24.54 10.77
N ARG B 85 -27.94 -23.51 10.92
CA ARG B 85 -28.44 -22.15 11.04
C ARG B 85 -28.54 -21.43 9.68
N ILE B 86 -28.30 -22.15 8.59
CA ILE B 86 -28.40 -21.63 7.22
C ILE B 86 -29.46 -22.42 6.46
N LYS B 87 -30.52 -21.74 6.04
CA LYS B 87 -31.55 -22.31 5.17
C LYS B 87 -31.38 -21.65 3.81
N THR B 88 -31.88 -22.28 2.75
CA THR B 88 -31.77 -21.75 1.40
C THR B 88 -33.14 -21.50 0.82
N CYS B 89 -33.22 -20.74 -0.26
CA CYS B 89 -34.49 -20.23 -0.71
C CYS B 89 -34.24 -19.72 -2.10
N ASN B 90 -35.17 -20.03 -2.99
CA ASN B 90 -35.00 -19.60 -4.37
C ASN B 90 -35.82 -18.35 -4.74
N ASN B 91 -36.49 -17.69 -3.77
CA ASN B 91 -37.34 -16.50 -4.09
C ASN B 91 -37.04 -15.40 -3.05
N VAL B 92 -36.78 -14.19 -3.55
CA VAL B 92 -36.39 -13.07 -2.67
C VAL B 92 -37.42 -12.84 -1.57
N SER B 93 -38.69 -12.91 -1.94
CA SER B 93 -39.80 -12.59 -1.07
C SER B 93 -40.00 -13.60 0.06
N THR B 94 -39.80 -14.88 -0.24
CA THR B 94 -39.81 -15.89 0.78
C THR B 94 -38.59 -15.76 1.65
N ALA B 95 -37.46 -15.36 1.06
CA ALA B 95 -36.20 -15.32 1.80
C ALA B 95 -36.28 -14.29 2.90
N VAL B 96 -36.99 -13.15 2.65
CA VAL B 96 -36.97 -11.98 3.57
C VAL B 96 -38.15 -11.95 4.51
N ALA B 97 -39.10 -12.86 4.33
CA ALA B 97 -40.34 -12.74 5.11
C ALA B 97 -40.15 -12.55 6.65
N ASP B 98 -39.21 -13.24 7.26
CA ASP B 98 -39.05 -13.02 8.70
C ASP B 98 -37.67 -12.35 9.06
N ALA B 99 -37.06 -11.69 8.08
CA ALA B 99 -35.67 -11.20 8.28
C ALA B 99 -35.58 -9.88 9.08
N ASP B 100 -34.73 -9.81 10.10
CA ASP B 100 -34.49 -8.54 10.84
C ASP B 100 -33.51 -7.63 10.07
N LEU B 101 -32.57 -8.30 9.41
CA LEU B 101 -31.53 -7.67 8.58
C LEU B 101 -31.44 -8.36 7.24
N ILE B 102 -31.41 -7.57 6.18
CA ILE B 102 -31.26 -8.12 4.82
C ILE B 102 -30.04 -7.55 4.16
N ILE B 103 -29.17 -8.44 3.68
CA ILE B 103 -27.97 -8.02 3.02
C ILE B 103 -28.09 -8.41 1.57
N GLU B 104 -28.01 -7.42 0.69
CA GLU B 104 -27.96 -7.66 -0.77
C GLU B 104 -26.50 -7.79 -1.26
N ALA B 105 -26.17 -8.93 -1.85
CA ALA B 105 -24.81 -9.21 -2.21
C ALA B 105 -24.92 -9.83 -3.58
N ALA B 106 -25.40 -9.06 -4.53
CA ALA B 106 -25.57 -9.49 -5.95
C ALA B 106 -24.38 -8.99 -6.75
N ILE B 107 -24.35 -9.37 -8.01
CA ILE B 107 -23.51 -8.74 -9.05
C ILE B 107 -23.55 -7.20 -9.05
N GLU B 108 -22.42 -6.61 -9.33
CA GLU B 108 -22.34 -5.19 -9.39
C GLU B 108 -23.11 -4.79 -10.67
N ASN B 109 -24.43 -4.68 -10.58
CA ASN B 109 -25.26 -4.16 -11.67
C ASN B 109 -26.39 -3.41 -11.01
N ILE B 110 -26.43 -2.10 -11.24
CA ILE B 110 -27.35 -1.31 -10.46
C ILE B 110 -28.85 -1.69 -10.71
N ASP B 111 -29.19 -2.15 -11.90
CA ASP B 111 -30.63 -2.38 -12.17
C ASP B 111 -31.06 -3.60 -11.42
N LEU B 112 -30.15 -4.54 -11.44
CA LEU B 112 -30.35 -5.76 -10.74
C LEU B 112 -30.50 -5.51 -9.22
N LYS B 113 -29.67 -4.64 -8.66
CA LYS B 113 -29.69 -4.38 -7.21
C LYS B 113 -31.02 -3.75 -6.84
N ARG B 114 -31.41 -2.81 -7.67
CA ARG B 114 -32.65 -2.09 -7.42
C ARG B 114 -33.89 -2.99 -7.50
N GLY B 115 -33.87 -3.98 -8.42
CA GLY B 115 -34.92 -4.95 -8.54
C GLY B 115 -35.00 -5.81 -7.32
N ILE B 116 -33.85 -6.21 -6.80
CA ILE B 116 -33.89 -6.98 -5.58
C ILE B 116 -34.50 -6.09 -4.43
N PHE B 117 -34.13 -4.84 -4.35
CA PHE B 117 -34.70 -4.02 -3.26
C PHE B 117 -36.18 -3.76 -3.50
N ALA B 118 -36.61 -3.56 -4.74
CA ALA B 118 -38.09 -3.52 -4.97
C ALA B 118 -38.73 -4.84 -4.46
N GLN B 119 -38.13 -5.99 -4.73
CA GLN B 119 -38.72 -7.25 -4.15
C GLN B 119 -38.69 -7.35 -2.60
N ILE B 120 -37.59 -6.93 -1.96
CA ILE B 120 -37.49 -6.99 -0.47
C ILE B 120 -38.60 -6.11 0.17
N GLU B 121 -38.75 -4.96 -0.42
CA GLU B 121 -39.60 -3.99 0.13
C GLU B 121 -41.08 -4.46 0.10
N GLN B 122 -41.46 -5.26 -0.90
CA GLN B 122 -42.82 -5.79 -1.00
C GLN B 122 -43.09 -6.78 0.14
N SER B 123 -42.05 -7.43 0.68
CA SER B 123 -42.18 -8.61 1.58
C SER B 123 -41.52 -8.54 2.96
N CYS B 124 -40.65 -7.58 3.17
CA CYS B 124 -39.84 -7.61 4.43
C CYS B 124 -40.66 -7.10 5.67
N LYS B 125 -40.22 -7.37 6.91
CA LYS B 125 -40.89 -6.80 8.08
C LYS B 125 -40.80 -5.29 8.18
N LYS B 126 -41.75 -4.67 8.86
CA LYS B 126 -41.83 -3.19 8.90
C LYS B 126 -40.62 -2.45 9.51
N ASP B 127 -39.86 -3.13 10.36
CA ASP B 127 -38.71 -2.55 11.06
C ASP B 127 -37.41 -3.23 10.66
N SER B 128 -37.42 -4.07 9.65
CA SER B 128 -36.18 -4.72 9.25
C SER B 128 -35.17 -3.70 8.62
N ILE B 129 -33.88 -4.02 8.64
CA ILE B 129 -32.86 -3.13 8.09
C ILE B 129 -32.38 -3.70 6.77
N LEU B 130 -32.15 -2.83 5.81
CA LEU B 130 -31.77 -3.19 4.47
C LEU B 130 -30.37 -2.71 4.17
N THR B 131 -29.55 -3.55 3.55
CA THR B 131 -28.17 -3.13 3.27
C THR B 131 -27.70 -3.70 1.96
N THR B 132 -26.81 -2.95 1.31
CA THR B 132 -26.13 -3.46 0.16
C THR B 132 -24.65 -3.68 0.51
N ASN B 133 -24.03 -4.70 -0.06
CA ASN B 133 -22.60 -4.86 0.04
C ASN B 133 -21.79 -4.14 -1.10
N THR B 134 -22.39 -3.28 -1.89
CA THR B 134 -21.71 -2.81 -3.08
C THR B 134 -20.52 -1.91 -2.76
N SER B 135 -19.54 -2.00 -3.64
CA SER B 135 -18.40 -1.11 -3.68
C SER B 135 -18.37 -0.41 -5.02
N SER B 136 -19.34 -0.67 -5.88
CA SER B 136 -19.32 -0.01 -7.17
C SER B 136 -20.28 1.17 -7.33
N PHE B 137 -21.20 1.37 -6.41
CA PHE B 137 -22.25 2.39 -6.57
C PHE B 137 -22.45 3.18 -5.28
N LEU B 138 -22.89 4.43 -5.39
CA LEU B 138 -23.30 5.20 -4.20
C LEU B 138 -24.54 4.55 -3.58
N LEU B 139 -24.58 4.51 -2.25
CA LEU B 139 -25.77 4.04 -1.57
C LEU B 139 -27.00 4.90 -1.96
N GLU B 140 -26.82 6.21 -2.19
CA GLU B 140 -27.95 7.08 -2.64
C GLU B 140 -28.60 6.53 -3.95
N ASP B 141 -27.79 5.94 -4.81
CA ASP B 141 -28.31 5.33 -6.05
C ASP B 141 -28.96 3.97 -5.87
N VAL B 142 -28.44 3.18 -4.93
CA VAL B 142 -28.91 1.84 -4.82
C VAL B 142 -30.30 1.94 -4.18
N ALA B 143 -30.41 2.84 -3.21
CA ALA B 143 -31.61 3.09 -2.41
C ALA B 143 -32.65 4.08 -2.97
N LYS B 144 -32.49 4.51 -4.21
CA LYS B 144 -33.27 5.63 -4.75
C LYS B 144 -34.75 5.33 -4.80
N GLY B 145 -35.10 4.15 -5.28
CA GLY B 145 -36.50 3.71 -5.22
C GLY B 145 -37.18 3.42 -3.87
N LEU B 146 -36.44 3.46 -2.75
CA LEU B 146 -37.00 2.92 -1.49
C LEU B 146 -37.87 3.90 -0.78
N GLN B 147 -38.84 3.37 -0.04
CA GLN B 147 -39.71 4.18 0.73
C GLN B 147 -39.11 4.61 2.05
N ASP B 148 -38.48 3.72 2.80
CA ASP B 148 -37.87 4.14 4.05
C ASP B 148 -36.34 4.08 4.03
N LYS B 149 -35.74 5.17 3.54
CA LYS B 149 -34.30 5.27 3.47
C LYS B 149 -33.63 5.35 4.84
N THR B 150 -34.41 5.50 5.91
CA THR B 150 -33.83 5.62 7.23
C THR B 150 -33.33 4.28 7.73
N ARG B 151 -33.78 3.21 7.09
CA ARG B 151 -33.47 1.86 7.53
C ARG B 151 -32.52 1.19 6.58
N PHE B 152 -31.76 1.96 5.86
CA PHE B 152 -30.95 1.43 4.80
C PHE B 152 -29.50 1.87 5.04
N GLY B 153 -28.55 1.00 4.69
CA GLY B 153 -27.13 1.32 4.85
C GLY B 153 -26.25 0.34 4.10
N GLY B 154 -24.93 0.45 4.30
CA GLY B 154 -23.96 -0.39 3.59
C GLY B 154 -23.17 -1.28 4.58
N LEU B 155 -22.95 -2.51 4.16
CA LEU B 155 -22.06 -3.47 4.84
C LEU B 155 -21.10 -3.97 3.81
N HIS B 156 -19.93 -3.34 3.73
CA HIS B 156 -19.00 -3.72 2.72
C HIS B 156 -17.96 -4.61 3.32
N PHE B 157 -18.11 -5.89 3.06
CA PHE B 157 -17.15 -6.88 3.53
C PHE B 157 -16.00 -7.05 2.57
N PHE B 158 -15.01 -7.84 2.94
CA PHE B 158 -13.88 -8.00 2.02
C PHE B 158 -13.61 -9.49 1.76
N ASN B 159 -13.27 -9.84 0.54
CA ASN B 159 -13.17 -11.24 0.17
C ASN B 159 -11.76 -11.86 0.46
N PRO B 160 -11.67 -13.15 0.89
CA PRO B 160 -12.68 -14.08 1.38
C PRO B 160 -13.17 -13.69 2.78
N VAL B 161 -14.48 -13.51 2.85
CA VAL B 161 -15.09 -12.94 4.04
C VAL B 161 -14.71 -13.68 5.35
N PRO B 162 -14.71 -15.03 5.36
CA PRO B 162 -14.36 -15.73 6.63
C PRO B 162 -12.95 -15.43 7.16
N VAL B 163 -12.12 -14.84 6.32
CA VAL B 163 -10.75 -14.62 6.64
C VAL B 163 -10.46 -13.13 6.73
N MET B 164 -11.23 -12.30 6.02
CA MET B 164 -10.95 -10.88 6.13
C MET B 164 -11.70 -10.22 7.31
N LYS B 165 -10.91 -9.54 8.13
CA LYS B 165 -11.37 -8.93 9.39
C LYS B 165 -12.10 -7.58 9.16
N LEU B 166 -11.79 -6.87 8.07
CA LEU B 166 -12.31 -5.50 7.89
C LEU B 166 -13.79 -5.49 7.41
N LEU B 167 -14.62 -4.65 8.05
CA LEU B 167 -15.96 -4.37 7.53
C LEU B 167 -16.16 -2.90 7.46
N GLU B 168 -16.44 -2.38 6.27
CA GLU B 168 -16.78 -0.98 6.11
C GLU B 168 -18.29 -0.83 6.32
N VAL B 169 -18.69 -0.03 7.30
CA VAL B 169 -20.07 0.13 7.62
C VAL B 169 -20.43 1.54 7.20
N ILE B 170 -21.36 1.63 6.24
CA ILE B 170 -21.64 2.88 5.56
C ILE B 170 -23.04 3.39 5.86
N ARG B 171 -23.13 4.69 6.18
CA ARG B 171 -24.41 5.39 6.31
C ARG B 171 -24.61 6.28 5.10
N SER B 172 -25.85 6.36 4.60
CA SER B 172 -26.19 7.38 3.60
C SER B 172 -26.66 8.61 4.34
N ASP B 173 -27.12 9.59 3.58
CA ASP B 173 -27.66 10.82 4.17
C ASP B 173 -28.87 10.63 5.03
N ASP B 174 -29.62 9.56 4.77
CA ASP B 174 -30.88 9.32 5.48
C ASP B 174 -30.81 8.23 6.55
N THR B 175 -29.75 7.44 6.56
CA THR B 175 -29.65 6.36 7.55
C THR B 175 -29.85 6.95 8.96
N SER B 176 -30.78 6.38 9.71
CA SER B 176 -31.04 6.87 11.07
C SER B 176 -29.93 6.50 12.04
N ASP B 177 -29.81 7.24 13.13
CA ASP B 177 -28.75 6.97 14.09
C ASP B 177 -28.92 5.54 14.64
N GLU B 178 -30.16 5.11 14.84
CA GLU B 178 -30.46 3.80 15.40
C GLU B 178 -30.07 2.71 14.41
N THR B 179 -30.32 2.95 13.11
CA THR B 179 -30.01 1.96 12.09
C THR B 179 -28.50 1.80 12.05
N TYR B 180 -27.78 2.93 12.08
CA TYR B 180 -26.33 2.88 11.97
C TYR B 180 -25.70 2.18 13.16
N ALA B 181 -26.23 2.44 14.36
CA ALA B 181 -25.72 1.79 15.57
C ALA B 181 -25.95 0.29 15.56
N THR B 182 -27.10 -0.16 15.01
CA THR B 182 -27.36 -1.61 14.86
C THR B 182 -26.41 -2.19 13.84
N LEU B 183 -26.11 -1.44 12.78
CA LEU B 183 -25.20 -2.04 11.85
C LEU B 183 -23.77 -2.23 12.40
N ILE B 184 -23.29 -1.27 13.17
CA ILE B 184 -21.93 -1.32 13.69
C ILE B 184 -21.97 -2.48 14.67
N LYS B 185 -23.00 -2.50 15.50
CA LYS B 185 -23.10 -3.57 16.48
C LYS B 185 -23.18 -4.96 15.86
N PHE B 186 -23.93 -5.09 14.77
CA PHE B 186 -23.95 -6.35 14.01
C PHE B 186 -22.60 -6.75 13.41
N GLY B 187 -21.91 -5.78 12.78
CA GLY B 187 -20.61 -6.01 12.23
C GLY B 187 -19.64 -6.54 13.28
N THR B 188 -19.70 -5.93 14.46
CA THR B 188 -18.82 -6.40 15.50
C THR B 188 -19.20 -7.82 15.94
N ALA B 189 -20.51 -8.13 16.02
CA ALA B 189 -20.97 -9.44 16.45
C ALA B 189 -20.60 -10.56 15.49
N VAL B 190 -20.40 -10.22 14.22
CA VAL B 190 -19.97 -11.31 13.37
C VAL B 190 -18.46 -11.37 13.23
N GLY B 191 -17.73 -10.80 14.19
CA GLY B 191 -16.26 -11.04 14.32
C GLY B 191 -15.41 -10.07 13.53
N LYS B 192 -15.99 -8.95 13.05
CA LYS B 192 -15.25 -8.05 12.20
C LYS B 192 -14.77 -6.83 12.94
N THR B 193 -13.75 -6.16 12.38
CA THR B 193 -13.42 -4.87 12.89
C THR B 193 -14.16 -3.82 12.02
N THR B 194 -15.08 -3.07 12.61
CA THR B 194 -15.83 -2.11 11.81
C THR B 194 -15.06 -0.82 11.71
N VAL B 195 -15.11 -0.20 10.53
CA VAL B 195 -14.74 1.19 10.36
C VAL B 195 -15.97 1.98 9.81
N ALA B 196 -16.08 3.24 10.21
CA ALA B 196 -17.23 4.08 9.91
C ALA B 196 -16.97 4.90 8.60
N CYS B 197 -17.85 4.81 7.61
N CYS B 197 -17.89 4.80 7.64
CA CYS B 197 -17.76 5.75 6.51
CA CYS B 197 -17.84 5.59 6.41
C CYS B 197 -19.10 6.29 6.08
C CYS B 197 -19.14 6.30 6.10
N LYS B 198 -19.03 7.40 5.37
CA LYS B 198 -20.18 8.03 4.70
C LYS B 198 -20.24 7.53 3.27
N ASP B 199 -21.31 7.95 2.57
CA ASP B 199 -21.54 7.55 1.18
C ASP B 199 -20.70 8.43 0.29
N SER B 200 -19.39 8.36 0.45
CA SER B 200 -18.51 9.13 -0.36
C SER B 200 -17.83 8.10 -1.25
N PRO B 201 -17.48 8.50 -2.46
CA PRO B 201 -17.18 7.55 -3.45
C PRO B 201 -15.97 6.69 -3.02
N GLY B 202 -16.13 5.35 -3.05
CA GLY B 202 -15.06 4.44 -2.76
C GLY B 202 -14.87 4.21 -1.27
N PHE B 203 -15.73 4.83 -0.46
CA PHE B 203 -15.65 4.69 1.00
C PHE B 203 -14.22 5.02 1.47
N ILE B 204 -13.60 4.11 2.20
CA ILE B 204 -12.22 4.31 2.56
C ILE B 204 -11.20 3.59 1.71
N VAL B 205 -11.32 2.27 1.52
CA VAL B 205 -10.28 1.49 0.85
C VAL B 205 -10.17 1.82 -0.67
N ASN B 206 -11.29 1.78 -1.40
CA ASN B 206 -11.23 1.95 -2.86
C ASN B 206 -10.84 3.33 -3.17
N ARG B 207 -11.34 4.29 -2.38
CA ARG B 207 -11.05 5.70 -2.53
C ARG B 207 -9.52 6.03 -2.48
N LEU B 208 -8.78 5.24 -1.71
CA LEU B 208 -7.31 5.40 -1.59
C LEU B 208 -6.58 4.50 -2.55
N LEU B 209 -6.99 3.23 -2.63
CA LEU B 209 -6.33 2.29 -3.52
C LEU B 209 -6.50 2.54 -5.02
N ILE B 210 -7.73 2.86 -5.48
CA ILE B 210 -7.97 2.89 -6.90
C ILE B 210 -7.15 4.03 -7.58
N PRO B 211 -7.16 5.27 -7.02
CA PRO B 211 -6.33 6.38 -7.51
C PRO B 211 -4.83 6.09 -7.38
N TYR B 212 -4.43 5.33 -6.36
CA TYR B 212 -3.02 4.92 -6.26
C TYR B 212 -2.67 3.98 -7.42
N PHE B 213 -3.54 3.03 -7.73
CA PHE B 213 -3.33 2.21 -8.91
C PHE B 213 -3.25 3.06 -10.22
N PHE B 214 -4.15 4.03 -10.41
CA PHE B 214 -4.06 4.90 -11.58
C PHE B 214 -2.76 5.71 -11.63
N GLU B 215 -2.26 6.15 -10.46
CA GLU B 215 -0.99 6.83 -10.41
C GLU B 215 0.13 5.97 -10.87
N ALA B 216 0.09 4.68 -10.49
CA ALA B 216 1.04 3.79 -11.04
C ALA B 216 0.91 3.61 -12.57
N ALA B 217 -0.33 3.49 -13.09
CA ALA B 217 -0.43 3.23 -14.50
C ALA B 217 0.07 4.49 -15.22
N ARG B 218 -0.08 5.64 -14.59
CA ARG B 218 0.35 6.88 -15.22
C ARG B 218 1.85 6.95 -15.20
N MET B 219 2.48 6.58 -14.09
CA MET B 219 3.93 6.49 -14.05
C MET B 219 4.46 5.65 -15.27
N TYR B 220 3.94 4.44 -15.37
CA TYR B 220 4.30 3.51 -16.43
C TYR B 220 4.05 4.09 -17.83
N GLU B 221 2.85 4.62 -18.04
CA GLU B 221 2.51 5.30 -19.29
C GLU B 221 3.43 6.47 -19.58
N ARG B 222 3.96 7.13 -18.55
CA ARG B 222 4.95 8.18 -18.78
C ARG B 222 6.30 7.60 -19.23
N GLY B 223 6.55 6.27 -19.12
CA GLY B 223 7.87 5.74 -19.49
C GLY B 223 8.92 5.85 -18.36
N ASP B 224 8.50 6.24 -17.16
CA ASP B 224 9.42 6.36 -15.98
C ASP B 224 10.01 5.07 -15.37
N ALA B 225 9.22 4.01 -15.35
CA ALA B 225 9.67 2.72 -14.92
C ALA B 225 8.81 1.66 -15.54
N SER B 226 9.30 0.41 -15.53
CA SER B 226 8.57 -0.69 -16.07
C SER B 226 7.51 -1.14 -15.05
N MET B 227 6.59 -1.93 -15.58
CA MET B 227 5.45 -2.41 -14.84
CA MET B 227 5.45 -2.41 -14.84
C MET B 227 5.84 -3.38 -13.73
N THR B 228 6.70 -4.35 -14.04
CA THR B 228 7.13 -5.28 -13.01
C THR B 228 8.06 -4.63 -11.94
N ASP B 229 8.88 -3.67 -12.33
CA ASP B 229 9.67 -2.88 -11.36
C ASP B 229 8.79 -2.06 -10.43
N ILE B 230 7.73 -1.45 -10.96
CA ILE B 230 6.79 -0.71 -10.12
C ILE B 230 6.19 -1.69 -9.12
N ASP B 231 5.74 -2.84 -9.59
CA ASP B 231 5.20 -3.84 -8.67
C ASP B 231 6.18 -4.33 -7.59
N GLU B 232 7.41 -4.57 -8.02
CA GLU B 232 8.43 -5.10 -7.11
C GLU B 232 8.82 -4.03 -6.09
N ALA B 233 8.99 -2.82 -6.58
CA ALA B 233 9.15 -1.66 -5.69
C ALA B 233 8.08 -1.57 -4.58
N MET B 234 6.81 -1.73 -4.89
CA MET B 234 5.82 -1.53 -3.83
C MET B 234 5.78 -2.70 -2.86
N LYS B 235 6.00 -3.91 -3.37
CA LYS B 235 6.05 -5.08 -2.53
C LYS B 235 7.23 -4.95 -1.56
N LEU B 236 8.43 -4.74 -2.09
CA LEU B 236 9.65 -4.75 -1.30
C LEU B 236 9.84 -3.43 -0.57
N GLY B 237 9.55 -2.30 -1.19
CA GLY B 237 9.69 -1.00 -0.54
C GLY B 237 8.59 -0.64 0.45
N ALA B 238 7.34 -1.00 0.15
CA ALA B 238 6.27 -0.57 1.03
C ALA B 238 5.68 -1.75 1.82
N GLY B 239 6.16 -2.96 1.57
CA GLY B 239 5.56 -4.15 2.17
C GLY B 239 4.14 -4.50 1.73
N HIS B 240 3.69 -4.01 0.59
CA HIS B 240 2.33 -4.36 0.16
C HIS B 240 2.34 -5.82 -0.25
N PRO B 241 1.26 -6.59 0.03
CA PRO B 241 1.29 -7.97 -0.46
C PRO B 241 1.28 -8.13 -1.99
N MET B 242 0.62 -7.23 -2.72
CA MET B 242 0.62 -7.23 -4.16
C MET B 242 1.04 -5.84 -4.63
N GLY B 243 1.60 -5.73 -5.84
CA GLY B 243 1.92 -4.39 -6.43
C GLY B 243 0.70 -3.82 -7.11
N PRO B 244 0.72 -2.53 -7.46
CA PRO B 244 -0.49 -1.95 -8.02
C PRO B 244 -1.07 -2.64 -9.30
N PHE B 245 -0.22 -3.11 -10.22
CA PHE B 245 -0.72 -3.71 -11.47
C PHE B 245 -1.35 -5.05 -11.24
N GLU B 246 -0.67 -5.87 -10.46
CA GLU B 246 -1.15 -7.15 -9.93
C GLU B 246 -2.48 -6.97 -9.23
N LEU B 247 -2.57 -5.97 -8.38
CA LEU B 247 -3.77 -5.71 -7.60
C LEU B 247 -4.95 -5.28 -8.46
N ALA B 248 -4.68 -4.48 -9.49
CA ALA B 248 -5.69 -4.12 -10.47
C ALA B 248 -6.25 -5.38 -11.14
N ASP B 249 -5.36 -6.31 -11.52
CA ASP B 249 -5.73 -7.54 -12.20
C ASP B 249 -6.60 -8.38 -11.29
N TYR B 250 -6.40 -8.25 -9.99
CA TYR B 250 -7.12 -9.07 -9.03
C TYR B 250 -8.53 -8.47 -8.79
N ILE B 251 -8.64 -7.15 -8.68
CA ILE B 251 -9.93 -6.49 -8.60
C ILE B 251 -10.73 -6.67 -9.91
N GLY B 252 -10.04 -6.70 -11.05
CA GLY B 252 -10.64 -6.81 -12.38
C GLY B 252 -10.59 -5.41 -12.94
N LEU B 253 -10.11 -5.25 -14.16
CA LEU B 253 -9.85 -3.92 -14.72
C LEU B 253 -11.11 -3.26 -15.19
N ASP B 254 -12.08 -4.07 -15.57
CA ASP B 254 -13.38 -3.49 -15.93
C ASP B 254 -13.95 -2.82 -14.67
N THR B 255 -13.86 -3.50 -13.52
CA THR B 255 -14.33 -2.91 -12.26
C THR B 255 -13.61 -1.57 -11.95
N VAL B 256 -12.27 -1.56 -11.99
CA VAL B 256 -11.59 -0.31 -11.59
C VAL B 256 -11.82 0.74 -12.64
N LYS B 257 -11.91 0.33 -13.92
CA LYS B 257 -12.27 1.31 -14.96
C LYS B 257 -13.65 1.95 -14.69
N PHE B 258 -14.64 1.09 -14.46
CA PHE B 258 -16.00 1.53 -14.27
C PHE B 258 -16.07 2.49 -13.07
N VAL B 259 -15.46 2.10 -11.95
CA VAL B 259 -15.50 2.92 -10.75
C VAL B 259 -14.91 4.30 -11.04
N MET B 260 -13.76 4.31 -11.71
CA MET B 260 -12.98 5.55 -11.88
C MET B 260 -13.69 6.41 -12.92
N ASP B 261 -14.24 5.76 -13.93
CA ASP B 261 -15.12 6.48 -14.88
C ASP B 261 -16.24 7.22 -14.13
N GLY B 262 -16.96 6.55 -13.24
CA GLY B 262 -18.05 7.21 -12.48
C GLY B 262 -17.60 8.40 -11.66
N TRP B 263 -16.51 8.22 -10.88
CA TRP B 263 -15.82 9.34 -10.21
C TRP B 263 -15.45 10.44 -11.14
N ALA B 264 -14.79 10.13 -12.26
CA ALA B 264 -14.43 11.19 -13.24
C ALA B 264 -15.65 11.99 -13.70
N ALA B 265 -16.71 11.27 -14.09
CA ALA B 265 -17.96 11.91 -14.53
C ALA B 265 -18.54 12.77 -13.44
N LYS B 266 -18.52 12.31 -12.19
CA LYS B 266 -19.10 13.14 -11.15
C LYS B 266 -18.24 14.32 -10.70
N TYR B 267 -16.93 14.15 -10.73
CA TYR B 267 -16.01 15.19 -10.26
C TYR B 267 -15.08 15.53 -11.41
N PRO B 268 -15.59 16.28 -12.40
CA PRO B 268 -14.81 16.48 -13.65
C PRO B 268 -13.64 17.46 -13.45
N GLU B 269 -13.62 18.14 -12.32
CA GLU B 269 -12.53 19.09 -11.94
C GLU B 269 -11.37 18.40 -11.17
N VAL B 270 -11.58 17.15 -10.75
CA VAL B 270 -10.59 16.36 -10.00
C VAL B 270 -9.72 15.63 -10.98
N GLN B 271 -8.55 16.22 -11.18
CA GLN B 271 -7.50 15.71 -12.04
C GLN B 271 -7.06 14.25 -11.71
N LEU B 272 -7.09 13.88 -10.43
CA LEU B 272 -6.75 12.51 -9.97
C LEU B 272 -7.63 11.43 -10.59
N PHE B 273 -8.87 11.77 -10.96
CA PHE B 273 -9.80 10.80 -11.56
C PHE B 273 -9.69 10.58 -13.09
N GLU B 274 -8.73 11.18 -13.80
CA GLU B 274 -8.64 10.98 -15.25
C GLU B 274 -8.47 9.55 -15.69
N ALA B 275 -9.16 9.17 -16.77
CA ALA B 275 -9.10 7.79 -17.29
C ALA B 275 -7.68 7.49 -17.78
N SER B 276 -7.30 6.23 -17.78
CA SER B 276 -6.03 5.85 -18.41
C SER B 276 -6.26 5.11 -19.76
N PRO B 277 -5.57 5.57 -20.83
CA PRO B 277 -5.59 4.89 -22.14
C PRO B 277 -5.18 3.44 -22.00
N LEU B 278 -4.20 3.16 -21.15
CA LEU B 278 -3.70 1.79 -21.05
C LEU B 278 -4.83 0.92 -20.57
N VAL B 279 -5.43 1.32 -19.43
CA VAL B 279 -6.55 0.58 -18.85
C VAL B 279 -7.74 0.45 -19.85
N ASP B 280 -8.05 1.52 -20.56
CA ASP B 280 -9.15 1.50 -21.55
C ASP B 280 -8.89 0.47 -22.62
N LYS B 281 -7.69 0.53 -23.25
CA LYS B 281 -7.24 -0.51 -24.20
C LYS B 281 -7.46 -1.94 -23.70
N LEU B 282 -6.85 -2.32 -22.58
CA LEU B 282 -7.06 -3.69 -22.08
C LEU B 282 -8.56 -4.07 -21.90
N VAL B 283 -9.35 -3.11 -21.40
CA VAL B 283 -10.75 -3.34 -21.14
C VAL B 283 -11.50 -3.43 -22.49
N ALA B 284 -11.16 -2.55 -23.44
CA ALA B 284 -11.67 -2.64 -24.81
C ALA B 284 -11.42 -4.03 -25.36
N GLU B 285 -10.24 -4.59 -25.11
CA GLU B 285 -9.96 -5.94 -25.63
C GLU B 285 -10.51 -7.08 -24.80
N GLY B 286 -11.24 -6.81 -23.74
CA GLY B 286 -11.67 -7.91 -22.88
C GLY B 286 -10.60 -8.51 -21.98
N LYS B 287 -9.40 -7.91 -21.96
CA LYS B 287 -8.37 -8.34 -21.03
C LYS B 287 -8.72 -7.70 -19.66
N LEU B 288 -9.45 -8.42 -18.80
CA LEU B 288 -9.98 -7.85 -17.55
C LEU B 288 -9.23 -8.24 -16.27
N GLY B 289 -8.08 -8.86 -16.43
CA GLY B 289 -7.30 -9.34 -15.29
C GLY B 289 -7.64 -10.78 -14.94
N ARG B 290 -7.39 -11.17 -13.70
CA ARG B 290 -7.63 -12.53 -13.21
C ARG B 290 -8.85 -13.32 -13.58
N LYS B 291 -9.92 -12.65 -13.96
CA LYS B 291 -11.15 -13.35 -14.31
C LYS B 291 -11.26 -13.74 -15.80
N THR B 292 -10.50 -13.12 -16.67
CA THR B 292 -10.54 -13.56 -18.03
C THR B 292 -9.18 -14.13 -18.31
N GLY B 293 -8.51 -14.55 -17.24
CA GLY B 293 -7.10 -14.95 -17.28
C GLY B 293 -6.16 -14.03 -18.07
N ASP B 294 -6.44 -12.74 -18.12
CA ASP B 294 -5.52 -11.78 -18.74
C ASP B 294 -5.88 -10.40 -18.34
N GLY B 295 -4.86 -9.56 -18.26
CA GLY B 295 -4.97 -8.15 -17.83
C GLY B 295 -3.62 -7.52 -18.06
N PHE B 296 -2.97 -7.03 -16.99
CA PHE B 296 -1.58 -6.61 -17.07
C PHE B 296 -0.68 -7.85 -17.16
N TYR B 297 -1.07 -8.95 -16.50
CA TYR B 297 -0.33 -10.21 -16.55
C TYR B 297 -1.25 -11.37 -16.97
N SER B 298 -0.63 -12.47 -17.39
CA SER B 298 -1.31 -13.67 -17.76
C SER B 298 -1.49 -14.65 -16.59
N TYR B 299 -2.65 -15.25 -16.46
CA TYR B 299 -2.97 -16.22 -15.38
C TYR B 299 -3.50 -17.53 -15.93
#